data_6ZPJ
#
_entry.id   6ZPJ
#
_cell.length_a   31.310
_cell.length_b   37.710
_cell.length_c   122.390
_cell.angle_alpha   90.000
_cell.angle_beta   92.170
_cell.angle_gamma   90.000
#
_symmetry.space_group_name_H-M   'P 1 21 1'
#
loop_
_entity.id
_entity.type
_entity.pdbx_description
1 polymer 'Leishmania mexicana KKT4'
2 non-polymer (4S)-2-METHYL-2,4-PENTANEDIOL
3 non-polymer IMIDAZOLE
4 water water
#
_entity_poly.entity_id   1
_entity_poly.type   'polypeptide(L)'
_entity_poly.pdbx_seq_one_letter_code
;GSTANKLTEAQRRIAELEKELQRTTQRVDQLSDVVQQQKDELQAAKDRHALEMEETRHAYNAVIHRKDEVQEEALRQLLK
SRQLMVSAARYEAVVAAKKLHAQEFELGAPAGRQACGRIMLKSNRK
;
_entity_poly.pdbx_strand_id   A,B
#
# COMPACT_ATOMS: atom_id res chain seq x y z
N GLY A 1 40.83 55.62 -4.59
CA GLY A 1 39.78 56.43 -3.97
C GLY A 1 38.43 55.75 -3.92
N SER A 2 37.37 56.55 -3.80
N SER A 2 37.37 56.55 -3.80
CA SER A 2 36.00 56.01 -3.70
CA SER A 2 36.00 56.01 -3.70
C SER A 2 35.65 55.11 -4.89
C SER A 2 35.65 55.11 -4.89
N THR A 3 35.87 55.62 -6.10
CA THR A 3 35.52 54.84 -7.31
C THR A 3 36.20 53.47 -7.27
N ALA A 4 37.52 53.48 -7.09
CA ALA A 4 38.26 52.22 -7.01
C ALA A 4 37.73 51.32 -5.88
N ASN A 5 37.42 51.94 -4.75
CA ASN A 5 36.91 51.16 -3.60
C ASN A 5 35.54 50.54 -3.90
N LYS A 6 34.70 51.33 -4.53
CA LYS A 6 33.39 50.76 -4.92
C LYS A 6 33.55 49.63 -5.94
N LEU A 7 34.57 49.75 -6.77
CA LEU A 7 34.80 48.66 -7.75
C LEU A 7 35.28 47.40 -7.01
N THR A 8 36.23 47.59 -6.10
CA THR A 8 36.64 46.43 -5.28
C THR A 8 35.44 45.79 -4.57
N GLU A 9 34.61 46.62 -3.94
CA GLU A 9 33.39 46.11 -3.31
C GLU A 9 32.51 45.35 -4.29
N ALA A 10 32.26 45.91 -5.49
CA ALA A 10 31.44 45.25 -6.50
C ALA A 10 32.05 43.94 -6.95
N GLN A 11 33.38 43.89 -7.12
CA GLN A 11 34.05 42.65 -7.50
C GLN A 11 33.86 41.56 -6.44
N ARG A 12 33.93 41.96 -5.17
N ARG A 12 33.97 41.96 -5.17
CA ARG A 12 33.68 40.99 -4.12
CA ARG A 12 33.67 40.99 -4.10
C ARG A 12 32.23 40.52 -4.13
C ARG A 12 32.24 40.52 -4.20
N ARG A 13 31.29 41.43 -4.43
CA ARG A 13 29.88 41.04 -4.47
C ARG A 13 29.62 40.08 -5.64
N ILE A 14 30.24 40.34 -6.80
CA ILE A 14 30.18 39.40 -7.91
C ILE A 14 30.65 38.01 -7.47
N ALA A 15 31.84 37.94 -6.83
CA ALA A 15 32.40 36.64 -6.41
C ALA A 15 31.43 35.92 -5.46
N GLU A 16 30.82 36.66 -4.52
CA GLU A 16 29.84 36.07 -3.61
C GLU A 16 28.64 35.51 -4.36
N LEU A 17 28.09 36.30 -5.30
CA LEU A 17 26.92 35.87 -6.06
C LEU A 17 27.23 34.64 -6.91
N GLU A 18 28.38 34.64 -7.59
CA GLU A 18 28.77 33.51 -8.41
C GLU A 18 28.84 32.24 -7.58
N LYS A 19 29.38 32.35 -6.38
CA LYS A 19 29.47 31.16 -5.55
C LYS A 19 28.09 30.73 -5.07
N GLU A 20 27.25 31.68 -4.72
CA GLU A 20 25.88 31.32 -4.30
C GLU A 20 25.07 30.68 -5.44
N LEU A 21 25.26 31.18 -6.65
CA LEU A 21 24.56 30.61 -7.83
C LEU A 21 25.00 29.16 -8.07
N GLN A 22 26.30 28.96 -7.93
CA GLN A 22 26.84 27.59 -8.11
C GLN A 22 26.21 26.64 -7.10
N ARG A 23 26.21 27.06 -5.86
CA ARG A 23 25.58 26.21 -4.82
C ARG A 23 24.09 25.97 -5.12
N THR A 24 23.39 27.04 -5.52
CA THR A 24 21.93 26.92 -5.72
C THR A 24 21.64 25.99 -6.91
N THR A 25 22.46 26.13 -7.94
CA THR A 25 22.26 25.30 -9.16
C THR A 25 22.59 23.84 -8.84
N GLN A 26 23.45 23.63 -7.85
N GLN A 26 23.46 23.63 -7.86
CA GLN A 26 23.78 22.25 -7.43
CA GLN A 26 23.78 22.25 -7.43
C GLN A 26 22.59 21.70 -6.64
C GLN A 26 22.58 21.71 -6.66
N ARG A 27 21.96 22.56 -5.84
CA ARG A 27 20.79 22.13 -5.04
C ARG A 27 19.62 21.79 -5.97
N VAL A 28 19.47 22.55 -7.03
CA VAL A 28 18.41 22.25 -8.02
C VAL A 28 18.62 20.84 -8.59
N ASP A 29 19.86 20.57 -8.92
CA ASP A 29 20.19 19.25 -9.50
C ASP A 29 19.97 18.15 -8.48
N GLN A 30 20.41 18.37 -7.25
CA GLN A 30 20.15 17.36 -6.23
C GLN A 30 18.65 17.13 -6.08
N LEU A 31 17.84 18.20 -6.04
CA LEU A 31 16.40 18.05 -5.89
C LEU A 31 15.80 17.40 -7.14
N SER A 32 16.27 17.78 -8.32
CA SER A 32 15.77 17.19 -9.54
C SER A 32 16.00 15.68 -9.54
N ASP A 33 17.13 15.24 -8.97
CA ASP A 33 17.41 13.81 -8.90
C ASP A 33 16.44 13.13 -7.94
N VAL A 34 16.16 13.78 -6.80
CA VAL A 34 15.21 13.23 -5.84
C VAL A 34 13.83 13.08 -6.46
N VAL A 35 13.41 14.08 -7.26
CA VAL A 35 12.08 14.05 -7.86
C VAL A 35 11.95 12.83 -8.75
N GLN A 36 12.95 12.59 -9.61
CA GLN A 36 12.88 11.45 -10.52
C GLN A 36 12.95 10.12 -9.78
N GLN A 37 13.82 10.02 -8.76
CA GLN A 37 13.85 8.78 -7.97
C GLN A 37 12.52 8.52 -7.26
N GLN A 38 11.87 9.57 -6.73
CA GLN A 38 10.62 9.37 -6.04
C GLN A 38 9.50 8.99 -6.98
N LYS A 39 9.52 9.48 -8.23
CA LYS A 39 8.59 9.00 -9.24
C LYS A 39 8.70 7.49 -9.43
N ASP A 40 9.94 7.01 -9.63
CA ASP A 40 10.20 5.58 -9.79
C ASP A 40 9.75 4.81 -8.56
N GLU A 41 10.11 5.30 -7.38
CA GLU A 41 9.69 4.67 -6.12
C GLU A 41 8.17 4.56 -6.03
N LEU A 42 7.45 5.65 -6.34
CA LEU A 42 5.99 5.63 -6.25
C LEU A 42 5.41 4.52 -7.10
N GLN A 43 5.85 4.43 -8.36
CA GLN A 43 5.33 3.39 -9.25
C GLN A 43 5.69 2.02 -8.74
N ALA A 44 6.93 1.84 -8.28
CA ALA A 44 7.31 0.53 -7.74
C ALA A 44 6.43 0.14 -6.56
N ALA A 45 6.08 1.12 -5.73
CA ALA A 45 5.28 0.82 -4.57
C ALA A 45 3.86 0.45 -4.96
N LYS A 46 3.26 1.25 -5.85
CA LYS A 46 1.91 0.92 -6.33
C LYS A 46 1.88 -0.48 -6.92
N ASP A 47 2.91 -0.87 -7.67
CA ASP A 47 2.94 -2.21 -8.27
C ASP A 47 3.03 -3.31 -7.19
N ARG A 48 3.88 -3.09 -6.18
CA ARG A 48 3.97 -4.06 -5.09
C ARG A 48 2.67 -4.16 -4.32
N HIS A 49 2.02 -3.02 -4.04
CA HIS A 49 0.78 -3.04 -3.27
C HIS A 49 -0.29 -3.83 -4.00
N ALA A 50 -0.41 -3.62 -5.31
CA ALA A 50 -1.44 -4.30 -6.11
C ALA A 50 -1.21 -5.80 -6.16
N LEU A 51 0.03 -6.22 -6.40
CA LEU A 51 0.36 -7.64 -6.40
C LEU A 51 0.10 -8.28 -5.04
N GLU A 52 0.52 -7.61 -3.97
CA GLU A 52 0.30 -8.12 -2.62
C GLU A 52 -1.19 -8.22 -2.32
N MET A 53 -1.97 -7.21 -2.70
CA MET A 53 -3.40 -7.26 -2.44
C MET A 53 -4.04 -8.44 -3.16
N GLU A 54 -3.65 -8.69 -4.41
CA GLU A 54 -4.27 -9.75 -5.19
C GLU A 54 -3.91 -11.12 -4.63
N GLU A 55 -2.63 -11.33 -4.31
CA GLU A 55 -2.22 -12.60 -3.74
C GLU A 55 -2.86 -12.84 -2.37
N THR A 56 -3.02 -11.78 -1.57
CA THR A 56 -3.63 -11.94 -0.25
C THR A 56 -5.10 -12.35 -0.37
N ARG A 57 -5.83 -11.70 -1.27
CA ARG A 57 -7.24 -12.03 -1.47
C ARG A 57 -7.40 -13.45 -1.97
N HIS A 58 -6.52 -13.88 -2.90
CA HIS A 58 -6.63 -15.24 -3.41
C HIS A 58 -6.36 -16.27 -2.33
N ALA A 59 -5.43 -15.99 -1.42
CA ALA A 59 -5.12 -16.91 -0.33
C ALA A 59 -6.27 -17.02 0.66
N TYR A 60 -6.80 -15.88 1.09
CA TYR A 60 -8.00 -15.92 1.93
C TYR A 60 -9.11 -16.72 1.25
N ASN A 61 -9.34 -16.45 -0.04
CA ASN A 61 -10.46 -17.08 -0.72
C ASN A 61 -10.24 -18.59 -0.89
N ALA A 62 -9.03 -19.00 -1.21
CA ALA A 62 -8.77 -20.42 -1.32
C ALA A 62 -8.94 -21.14 0.01
N VAL A 63 -8.61 -20.46 1.12
CA VAL A 63 -8.76 -21.09 2.43
C VAL A 63 -10.23 -21.15 2.82
N ILE A 64 -10.99 -20.10 2.53
CA ILE A 64 -12.42 -20.12 2.84
C ILE A 64 -13.13 -21.20 2.04
N HIS A 65 -12.79 -21.32 0.76
CA HIS A 65 -13.43 -22.31 -0.10
C HIS A 65 -13.12 -23.72 0.39
N ARG A 66 -11.89 -23.99 0.77
CA ARG A 66 -11.53 -25.31 1.25
C ARG A 66 -12.26 -25.60 2.56
N LYS A 67 -12.42 -24.58 3.40
CA LYS A 67 -13.15 -24.78 4.65
C LYS A 67 -14.60 -25.16 4.38
N ASP A 68 -15.25 -24.48 3.44
CA ASP A 68 -16.62 -24.86 3.07
C ASP A 68 -16.66 -26.29 2.54
N GLU A 69 -15.73 -26.61 1.66
CA GLU A 69 -15.71 -27.96 1.04
C GLU A 69 -15.55 -29.03 2.13
N VAL A 70 -14.57 -28.85 3.01
CA VAL A 70 -14.28 -29.87 4.05
C VAL A 70 -15.43 -29.98 5.05
N GLN A 71 -15.99 -28.85 5.41
CA GLN A 71 -17.08 -28.87 6.38
C GLN A 71 -18.29 -29.56 5.76
N GLU A 72 -18.62 -29.19 4.53
CA GLU A 72 -19.80 -29.78 3.88
C GLU A 72 -19.65 -31.28 3.70
N GLU A 73 -18.45 -31.73 3.36
CA GLU A 73 -18.26 -33.17 3.21
C GLU A 73 -18.31 -33.90 4.56
N ALA A 74 -17.85 -33.24 5.63
CA ALA A 74 -18.01 -33.81 6.96
C ALA A 74 -19.48 -34.05 7.30
N LEU A 75 -20.34 -33.06 7.05
CA LEU A 75 -21.77 -33.29 7.29
C LEU A 75 -22.31 -34.37 6.37
N ARG A 76 -21.93 -34.35 5.08
CA ARG A 76 -22.47 -35.35 4.17
C ARG A 76 -22.15 -36.77 4.66
N GLN A 77 -20.93 -36.98 5.13
CA GLN A 77 -20.59 -38.31 5.63
C GLN A 77 -21.36 -38.62 6.92
N LEU A 78 -21.50 -37.66 7.81
CA LEU A 78 -22.27 -37.91 9.02
C LEU A 78 -23.72 -38.22 8.68
N LEU A 79 -24.30 -37.48 7.72
CA LEU A 79 -25.69 -37.71 7.36
C LEU A 79 -25.90 -39.06 6.69
N LYS A 80 -24.92 -39.52 5.92
CA LYS A 80 -25.04 -40.85 5.30
C LYS A 80 -24.96 -41.88 6.43
N SER A 81 -24.05 -41.70 7.38
CA SER A 81 -23.98 -42.65 8.48
C SER A 81 -25.30 -42.72 9.24
N ARG A 82 -25.95 -41.57 9.46
CA ARG A 82 -27.23 -41.58 10.14
C ARG A 82 -28.27 -42.32 9.32
N GLN A 83 -28.33 -42.03 8.02
CA GLN A 83 -29.31 -42.71 7.17
C GLN A 83 -29.14 -44.23 7.21
N LEU A 84 -27.91 -44.72 7.40
CA LEU A 84 -27.68 -46.16 7.43
C LEU A 84 -28.12 -46.75 8.77
N MET A 85 -27.72 -46.12 9.87
CA MET A 85 -28.20 -46.56 11.18
C MET A 85 -29.73 -46.62 11.19
N VAL A 86 -30.38 -45.66 10.54
CA VAL A 86 -31.84 -45.59 10.60
C VAL A 86 -32.49 -46.61 9.67
N SER A 87 -31.94 -46.81 8.47
CA SER A 87 -32.51 -47.82 7.60
C SER A 87 -32.32 -49.22 8.20
N ALA A 88 -31.27 -49.43 8.97
CA ALA A 88 -31.08 -50.74 9.59
C ALA A 88 -32.00 -50.92 10.80
N ALA A 89 -32.18 -49.88 11.61
CA ALA A 89 -33.10 -49.96 12.73
C ALA A 89 -34.53 -50.17 12.25
N ARG A 90 -34.93 -49.47 11.17
CA ARG A 90 -36.28 -49.64 10.64
C ARG A 90 -36.50 -51.07 10.15
N TYR A 91 -35.52 -51.64 9.44
CA TYR A 91 -35.64 -53.02 8.99
C TYR A 91 -35.66 -53.99 10.16
N GLU A 92 -34.88 -53.71 11.18
CA GLU A 92 -34.83 -54.61 12.35
C GLU A 92 -36.15 -54.55 13.12
N ALA A 93 -36.91 -53.49 12.99
CA ALA A 93 -38.18 -53.33 13.71
C ALA A 93 -39.36 -54.00 13.01
N VAL A 94 -39.33 -54.05 11.68
CA VAL A 94 -40.34 -54.77 10.87
C VAL A 94 -40.11 -56.26 11.13
N VAL A 95 -38.87 -56.66 11.03
CA VAL A 95 -38.46 -58.07 11.18
C VAL A 95 -38.88 -58.61 12.55
N ALA A 96 -38.71 -57.82 13.60
CA ALA A 96 -39.04 -58.29 14.95
C ALA A 96 -40.54 -58.20 15.18
N ALA A 97 -41.20 -57.21 14.62
CA ALA A 97 -42.65 -57.11 14.81
C ALA A 97 -43.34 -58.23 14.05
N LYS A 98 -42.86 -58.55 12.85
CA LYS A 98 -43.36 -59.70 12.09
C LYS A 98 -43.14 -61.00 12.86
N LYS A 99 -41.93 -61.21 13.40
CA LYS A 99 -41.66 -62.43 14.14
C LYS A 99 -42.59 -62.55 15.34
N LEU A 100 -42.74 -61.47 16.11
CA LEU A 100 -43.58 -61.52 17.30
C LEU A 100 -45.03 -61.85 16.93
N HIS A 101 -45.55 -61.21 15.87
CA HIS A 101 -46.95 -61.43 15.50
C HIS A 101 -47.16 -62.84 14.98
N ALA A 102 -46.19 -63.40 14.27
CA ALA A 102 -46.30 -64.78 13.80
C ALA A 102 -46.30 -65.77 14.97
N GLN A 103 -45.43 -65.57 15.96
CA GLN A 103 -45.39 -66.47 17.13
C GLN A 103 -46.74 -66.45 17.85
N GLU A 104 -47.34 -65.29 18.03
CA GLU A 104 -48.60 -65.18 18.77
C GLU A 104 -49.79 -65.82 18.07
N PHE A 105 -49.79 -65.63 16.76
CA PHE A 105 -50.81 -66.25 15.91
C PHE A 105 -50.64 -67.77 15.93
N GLU A 106 -49.45 -68.26 15.66
CA GLU A 106 -49.16 -69.70 15.60
C GLU A 106 -49.42 -70.44 16.93
N LEU A 107 -49.08 -69.82 18.05
CA LEU A 107 -49.30 -70.42 19.39
C LEU A 107 -50.77 -70.70 19.51
N GLY A 108 -51.59 -69.95 18.80
CA GLY A 108 -53.03 -70.14 18.98
C GLY A 108 -53.58 -71.22 18.04
N ALA A 109 -52.76 -71.98 17.30
CA ALA A 109 -53.31 -72.98 16.44
C ALA A 109 -53.69 -74.19 17.27
N PRO A 110 -54.63 -75.01 16.80
CA PRO A 110 -54.94 -76.25 17.54
C PRO A 110 -53.77 -77.22 17.50
N GLY B 1 40.78 50.45 -19.78
CA GLY B 1 39.51 51.12 -19.50
C GLY B 1 39.51 51.82 -18.16
N SER B 2 38.65 52.84 -18.02
CA SER B 2 38.67 53.65 -16.83
C SER B 2 38.08 52.87 -15.64
N THR B 3 38.41 53.28 -14.43
CA THR B 3 37.90 52.59 -13.23
C THR B 3 36.38 52.77 -13.13
N ALA B 4 35.96 53.97 -13.50
CA ALA B 4 34.51 54.23 -13.48
C ALA B 4 33.75 53.32 -14.45
N ASN B 5 34.32 53.14 -15.64
CA ASN B 5 33.70 52.23 -16.63
C ASN B 5 33.64 50.80 -16.12
N LYS B 6 34.71 50.38 -15.46
CA LYS B 6 34.75 49.04 -14.86
C LYS B 6 33.64 48.90 -13.79
N LEU B 7 33.47 49.96 -13.01
CA LEU B 7 32.42 49.91 -11.94
C LEU B 7 31.04 49.76 -12.57
N THR B 8 30.78 50.54 -13.64
N THR B 8 30.78 50.53 -13.63
CA THR B 8 29.47 50.44 -14.32
CA THR B 8 29.47 50.45 -14.33
C THR B 8 29.25 49.00 -14.80
C THR B 8 29.25 49.01 -14.79
N GLU B 9 30.28 48.41 -15.41
CA GLU B 9 30.17 47.02 -15.89
C GLU B 9 30.00 46.03 -14.72
N ALA B 10 30.72 46.27 -13.63
CA ALA B 10 30.54 45.39 -12.45
C ALA B 10 29.11 45.50 -11.91
N GLN B 11 28.56 46.70 -11.95
CA GLN B 11 27.20 46.90 -11.41
C GLN B 11 26.17 46.19 -12.33
N ARG B 12 26.45 46.21 -13.62
CA ARG B 12 25.58 45.48 -14.57
C ARG B 12 25.61 43.98 -14.29
N ARG B 13 26.84 43.49 -14.09
CA ARG B 13 27.01 42.06 -13.81
C ARG B 13 26.36 41.64 -12.47
N ILE B 14 26.47 42.53 -11.48
CA ILE B 14 25.75 42.24 -10.24
C ILE B 14 24.26 42.07 -10.52
N ALA B 15 23.66 43.02 -11.26
CA ALA B 15 22.23 42.99 -11.51
C ALA B 15 21.83 41.73 -12.26
N GLU B 16 22.68 41.32 -13.19
CA GLU B 16 22.45 40.11 -13.97
C GLU B 16 22.53 38.86 -13.10
N LEU B 17 23.55 38.78 -12.23
CA LEU B 17 23.71 37.66 -11.33
C LEU B 17 22.58 37.61 -10.31
N GLU B 18 22.16 38.73 -9.79
CA GLU B 18 21.04 38.73 -8.82
C GLU B 18 19.78 38.12 -9.47
N LYS B 19 19.54 38.50 -10.68
CA LYS B 19 18.35 38.02 -11.41
C LYS B 19 18.39 36.47 -11.57
N GLU B 20 19.56 36.01 -11.93
CA GLU B 20 19.76 34.57 -12.20
C GLU B 20 19.70 33.78 -10.87
N LEU B 21 20.22 34.37 -9.81
CA LEU B 21 20.15 33.71 -8.48
C LEU B 21 18.68 33.64 -7.98
N GLN B 22 17.95 34.67 -8.35
CA GLN B 22 16.54 34.68 -7.94
C GLN B 22 15.77 33.60 -8.71
N ARG B 23 16.02 33.61 -10.01
CA ARG B 23 15.38 32.57 -10.84
C ARG B 23 15.68 31.17 -10.31
N THR B 24 16.98 30.89 -10.09
N THR B 24 16.98 30.89 -10.09
CA THR B 24 17.36 29.51 -9.68
CA THR B 24 17.37 29.52 -9.67
C THR B 24 16.82 29.19 -8.27
C THR B 24 16.82 29.19 -8.28
N THR B 25 16.83 30.18 -7.38
CA THR B 25 16.28 29.97 -6.03
C THR B 25 14.78 29.70 -6.09
N GLN B 26 14.12 30.42 -6.97
CA GLN B 26 12.68 30.13 -7.15
C GLN B 26 12.43 28.68 -7.59
N ARG B 27 13.27 28.18 -8.49
CA ARG B 27 13.14 26.76 -8.91
C ARG B 27 13.47 25.79 -7.77
N VAL B 28 14.43 26.14 -6.93
CA VAL B 28 14.72 25.28 -5.75
C VAL B 28 13.43 25.08 -4.91
N ASP B 29 12.79 26.20 -4.61
CA ASP B 29 11.56 26.11 -3.77
C ASP B 29 10.42 25.38 -4.50
N GLN B 30 10.32 25.57 -5.80
CA GLN B 30 9.32 24.80 -6.54
C GLN B 30 9.63 23.31 -6.49
N LEU B 31 10.88 22.94 -6.72
CA LEU B 31 11.26 21.53 -6.63
C LEU B 31 11.12 21.00 -5.21
N SER B 32 11.44 21.80 -4.18
CA SER B 32 11.25 21.37 -2.78
C SER B 32 9.79 21.04 -2.51
N ASP B 33 8.89 21.85 -3.09
CA ASP B 33 7.46 21.56 -2.96
C ASP B 33 7.10 20.24 -3.61
N VAL B 34 7.62 19.95 -4.82
CA VAL B 34 7.33 18.68 -5.48
C VAL B 34 7.84 17.53 -4.62
N VAL B 35 9.01 17.72 -4.03
CA VAL B 35 9.61 16.62 -3.26
C VAL B 35 8.72 16.29 -2.09
N GLN B 36 8.21 17.32 -1.41
CA GLN B 36 7.35 17.02 -0.29
C GLN B 36 6.02 16.44 -0.74
N GLN B 37 5.49 16.92 -1.86
CA GLN B 37 4.22 16.38 -2.33
C GLN B 37 4.37 14.92 -2.67
N GLN B 38 5.49 14.54 -3.28
CA GLN B 38 5.74 13.14 -3.58
C GLN B 38 5.86 12.30 -2.32
N LYS B 39 6.56 12.80 -1.29
CA LYS B 39 6.66 12.09 -0.02
C LYS B 39 5.29 11.86 0.60
N ASP B 40 4.45 12.90 0.59
CA ASP B 40 3.08 12.78 1.09
C ASP B 40 2.29 11.75 0.30
N GLU B 41 2.44 11.72 -1.03
CA GLU B 41 1.71 10.78 -1.86
C GLU B 41 2.16 9.35 -1.61
N LEU B 42 3.47 9.16 -1.42
CA LEU B 42 3.99 7.82 -1.16
C LEU B 42 3.46 7.28 0.16
N GLN B 43 3.46 8.10 1.21
CA GLN B 43 2.87 7.70 2.48
C GLN B 43 1.38 7.45 2.35
N ALA B 44 0.67 8.33 1.64
CA ALA B 44 -0.75 8.13 1.42
C ALA B 44 -1.04 6.79 0.76
N ALA B 45 -0.25 6.42 -0.27
CA ALA B 45 -0.43 5.13 -0.94
C ALA B 45 -0.16 3.97 0.00
N LYS B 46 0.89 4.09 0.82
CA LYS B 46 1.18 3.04 1.80
C LYS B 46 0.05 2.91 2.82
N ASP B 47 -0.47 4.04 3.30
CA ASP B 47 -1.61 4.05 4.22
C ASP B 47 -2.85 3.43 3.59
N ARG B 48 -3.12 3.73 2.33
CA ARG B 48 -4.28 3.16 1.67
C ARG B 48 -4.13 1.65 1.51
N HIS B 49 -2.94 1.17 1.13
CA HIS B 49 -2.73 -0.27 0.98
C HIS B 49 -2.89 -0.98 2.32
N ALA B 50 -2.29 -0.42 3.38
CA ALA B 50 -2.38 -1.03 4.70
C ALA B 50 -3.83 -1.14 5.15
N LEU B 51 -4.60 -0.08 4.93
CA LEU B 51 -6.02 -0.11 5.28
C LEU B 51 -6.76 -1.20 4.51
N GLU B 52 -6.55 -1.27 3.19
CA GLU B 52 -7.21 -2.31 2.42
C GLU B 52 -6.79 -3.70 2.91
N MET B 53 -5.49 -3.88 3.18
CA MET B 53 -5.02 -5.18 3.66
C MET B 53 -5.69 -5.55 4.98
N GLU B 54 -5.89 -4.54 5.81
CA GLU B 54 -6.44 -4.79 7.18
C GLU B 54 -7.92 -5.04 7.11
N GLU B 55 -8.66 -4.25 6.35
CA GLU B 55 -10.06 -4.55 6.14
C GLU B 55 -10.26 -5.97 5.61
N THR B 56 -9.40 -6.44 4.72
CA THR B 56 -9.54 -7.78 4.09
C THR B 56 -9.23 -8.88 5.11
N ARG B 57 -8.23 -8.68 5.95
CA ARG B 57 -7.82 -9.67 6.97
C ARG B 57 -8.91 -9.82 8.04
N HIS B 58 -9.49 -8.71 8.47
CA HIS B 58 -10.56 -8.74 9.47
C HIS B 58 -11.75 -9.51 8.88
N ALA B 59 -12.03 -9.28 7.61
CA ALA B 59 -13.15 -9.96 6.95
C ALA B 59 -12.86 -11.46 6.87
N TYR B 60 -11.66 -11.84 6.47
CA TYR B 60 -11.29 -13.26 6.42
C TYR B 60 -11.47 -13.86 7.82
N ASN B 61 -10.89 -13.23 8.83
CA ASN B 61 -10.96 -13.78 10.21
C ASN B 61 -12.43 -13.91 10.63
N ALA B 62 -13.28 -12.95 10.29
CA ALA B 62 -14.69 -12.99 10.70
C ALA B 62 -15.39 -14.16 10.00
N VAL B 63 -15.08 -14.36 8.74
CA VAL B 63 -15.69 -15.45 7.98
C VAL B 63 -15.26 -16.80 8.56
N ILE B 64 -13.98 -16.95 8.89
CA ILE B 64 -13.54 -18.21 9.47
C ILE B 64 -14.25 -18.44 10.80
N HIS B 65 -14.33 -17.40 11.64
CA HIS B 65 -15.04 -17.51 12.91
C HIS B 65 -16.50 -17.89 12.69
N ARG B 66 -17.19 -17.21 11.78
CA ARG B 66 -18.60 -17.49 11.51
C ARG B 66 -18.82 -18.92 11.05
N LYS B 67 -17.98 -19.40 10.13
CA LYS B 67 -18.17 -20.76 9.61
C LYS B 67 -17.85 -21.82 10.65
N ASP B 68 -16.94 -21.53 11.58
CA ASP B 68 -16.71 -22.43 12.71
C ASP B 68 -17.96 -22.51 13.59
N GLU B 69 -18.55 -21.35 13.91
CA GLU B 69 -19.74 -21.34 14.76
C GLU B 69 -20.88 -22.14 14.12
N VAL B 70 -21.21 -21.82 12.86
CA VAL B 70 -22.28 -22.53 12.16
C VAL B 70 -22.04 -24.03 12.18
N GLN B 71 -20.87 -24.46 11.76
CA GLN B 71 -20.52 -25.89 11.77
C GLN B 71 -20.73 -26.46 13.18
N GLU B 72 -20.25 -25.75 14.19
CA GLU B 72 -20.43 -26.20 15.56
C GLU B 72 -21.91 -26.43 15.87
N GLU B 73 -22.75 -25.44 15.55
CA GLU B 73 -24.18 -25.58 15.82
C GLU B 73 -24.79 -26.74 15.03
N ALA B 74 -24.33 -26.95 13.80
CA ALA B 74 -24.81 -28.08 13.02
C ALA B 74 -24.46 -29.41 13.70
N LEU B 75 -23.23 -29.53 14.22
CA LEU B 75 -22.79 -30.79 14.81
C LEU B 75 -23.40 -31.01 16.20
N ARG B 76 -23.65 -29.93 16.95
CA ARG B 76 -24.38 -30.08 18.21
C ARG B 76 -25.82 -30.53 17.95
N GLN B 77 -26.45 -29.97 16.93
CA GLN B 77 -27.79 -30.42 16.50
C GLN B 77 -27.69 -31.74 15.72
#